data_4Q4T
#
_entry.id   4Q4T
#
_cell.length_a   36.711
_cell.length_b   65.270
_cell.length_c   68.195
_cell.angle_alpha   90.00
_cell.angle_beta   90.00
_cell.angle_gamma   90.00
#
_symmetry.space_group_name_H-M   'P 21 21 21'
#
loop_
_entity.id
_entity.type
_entity.pdbx_description
1 polymer 'Peptidoglycan endopeptidase RipA'
2 non-polymer 'FORMIC ACID'
3 non-polymer GLYCEROL
4 water water
#
_entity_poly.entity_id   1
_entity_poly.type   'polypeptide(L)'
_entity_poly.pdbx_seq_one_letter_code
;MRRNRRGSPARPAARFVRPAIPSALSVALLVCTPGLATADPQTDTIAALIADVAKANQRLQDLSDEVQAEQESVNKAMVD
VETARDNAAAAEDDLEVSQRAVKDANAAIAAAQHRFDTFAAATYMNGPSVSYLSASSPDEIIATVTAAKTLSASSQAVMA
NLQRARTERVNTESAARLAKQKADKAAADAKASQDAAVAALTETRRKFDEQREEVQRLAAERDAAQARLQAARLVAWSSE
GGQGAPPFRMWDPGSGPAGGRAWDGLWDPTLPMIPSANIPGDPIAVVNQVLGISATSAQVTANMGRKFLEQLGILQPTDT
GITNAPAGSAQGRIPRVYGRQASEYVIRRGMSQIGVPYSWGGGNAAGPSKGIDSGAGTVGFDCSGLVLYSFAGVGIKLPH
YSGSQYNLGRKIPSSQMRRGDVIFYGPNGSQHVTIYLGNGQMLAAPDVGLKVRVAPVRTAGMTPYVVRYIEY
;
_entity_poly.pdbx_strand_id   A
#
loop_
_chem_comp.id
_chem_comp.type
_chem_comp.name
_chem_comp.formula
FMT non-polymer 'FORMIC ACID' 'C H2 O2'
GOL non-polymer GLYCEROL 'C3 H8 O3'
#
# COMPACT_ATOMS: atom_id res chain seq x y z
N GLY A 265 -11.96 -0.76 22.90
CA GLY A 265 -11.62 0.31 21.90
C GLY A 265 -10.28 0.13 21.12
N LEU A 266 -9.49 -0.88 21.47
CA LEU A 266 -8.15 -1.12 20.85
C LEU A 266 -8.22 -1.57 19.36
N TRP A 267 -9.26 -2.35 19.06
CA TRP A 267 -9.39 -2.95 17.73
C TRP A 267 -10.65 -2.43 17.10
N ASP A 268 -10.70 -2.52 15.73
CA ASP A 268 -12.00 -2.31 15.06
C ASP A 268 -12.79 -3.64 15.27
N PRO A 269 -13.93 -3.55 15.96
CA PRO A 269 -14.62 -4.80 16.30
C PRO A 269 -15.35 -5.42 15.11
N THR A 270 -15.41 -4.75 13.95
CA THR A 270 -16.04 -5.37 12.81
C THR A 270 -15.15 -6.35 12.06
N LEU A 271 -13.85 -6.41 12.42
CA LEU A 271 -12.90 -7.33 11.77
C LEU A 271 -12.24 -8.20 12.85
N PRO A 272 -11.65 -9.35 12.43
CA PRO A 272 -10.98 -10.18 13.44
C PRO A 272 -9.96 -9.33 14.25
N MET A 273 -9.99 -9.45 15.59
CA MET A 273 -9.22 -8.59 16.48
C MET A 273 -7.85 -9.25 16.73
N ILE A 274 -7.06 -9.32 15.66
CA ILE A 274 -5.74 -10.00 15.65
C ILE A 274 -4.83 -9.25 14.68
N PRO A 275 -3.48 -9.41 14.91
CA PRO A 275 -2.55 -8.87 13.95
C PRO A 275 -2.77 -9.51 12.62
N SER A 276 -2.56 -8.70 11.59
CA SER A 276 -2.86 -9.13 10.23
C SER A 276 -1.67 -9.90 9.58
N ALA A 277 -1.77 -10.19 8.30
CA ALA A 277 -0.77 -11.08 7.67
C ALA A 277 0.60 -10.40 7.59
N ASN A 278 1.63 -11.16 7.88
CA ASN A 278 2.99 -10.59 7.95
C ASN A 278 3.84 -11.44 7.03
N ILE A 279 4.20 -10.86 5.86
CA ILE A 279 5.01 -11.61 4.89
C ILE A 279 6.39 -10.95 4.83
N PRO A 280 7.46 -11.74 5.17
CA PRO A 280 8.79 -11.14 5.31
C PRO A 280 9.42 -10.74 3.98
N GLY A 281 10.30 -9.73 4.03
CA GLY A 281 11.33 -9.52 3.00
C GLY A 281 10.75 -9.03 1.70
N ASP A 282 11.21 -9.62 0.62
CA ASP A 282 10.92 -9.11 -0.71
C ASP A 282 10.46 -10.28 -1.55
N PRO A 283 9.15 -10.63 -1.46
CA PRO A 283 8.61 -11.78 -2.15
C PRO A 283 8.74 -11.69 -3.67
N ILE A 284 8.76 -12.86 -4.29
CA ILE A 284 8.62 -12.94 -5.73
C ILE A 284 7.22 -12.43 -6.12
N ALA A 285 7.16 -11.55 -7.13
CA ALA A 285 5.90 -10.89 -7.57
C ALA A 285 5.46 -11.38 -8.95
N VAL A 286 6.42 -11.82 -9.74
CA VAL A 286 6.21 -12.10 -11.17
C VAL A 286 6.92 -13.44 -11.43
N VAL A 287 6.17 -14.43 -11.92
CA VAL A 287 6.80 -15.68 -12.40
C VAL A 287 6.29 -15.92 -13.84
N ASN A 288 7.19 -15.94 -14.82
CA ASN A 288 6.80 -16.27 -16.21
C ASN A 288 7.46 -17.58 -16.58
N GLN A 289 6.69 -18.65 -16.58
CA GLN A 289 7.19 -20.00 -16.81
C GLN A 289 7.67 -20.20 -18.28
N VAL A 290 7.09 -19.42 -19.21
CA VAL A 290 7.44 -19.48 -20.61
C VAL A 290 8.76 -18.80 -20.99
N LEU A 291 8.97 -17.55 -20.55
CA LEU A 291 10.28 -16.95 -20.74
C LEU A 291 11.32 -17.54 -19.78
N GLY A 292 10.89 -18.11 -18.65
CA GLY A 292 11.85 -18.60 -17.61
C GLY A 292 12.38 -17.38 -16.81
N ILE A 293 11.46 -16.53 -16.37
CA ILE A 293 11.93 -15.38 -15.58
C ILE A 293 11.08 -15.24 -14.37
N SER A 294 11.59 -14.49 -13.42
CA SER A 294 10.79 -14.09 -12.27
C SER A 294 11.43 -12.82 -11.72
N ALA A 295 10.69 -12.11 -10.86
CA ALA A 295 11.22 -10.88 -10.29
C ALA A 295 10.47 -10.60 -8.99
N THR A 296 11.11 -9.94 -8.07
CA THR A 296 10.45 -9.65 -6.76
C THR A 296 9.70 -8.30 -6.74
N SER A 297 8.85 -8.12 -5.74
CA SER A 297 8.19 -6.82 -5.54
C SER A 297 9.13 -5.66 -5.62
N ALA A 298 10.32 -5.69 -4.99
CA ALA A 298 11.17 -4.52 -5.06
C ALA A 298 11.67 -4.27 -6.44
N GLN A 299 11.93 -5.33 -7.23
CA GLN A 299 12.35 -5.16 -8.63
C GLN A 299 11.25 -4.47 -9.43
N VAL A 300 10.04 -4.99 -9.35
CA VAL A 300 8.91 -4.40 -10.02
C VAL A 300 8.72 -2.93 -9.57
N THR A 301 8.90 -2.70 -8.26
CA THR A 301 8.71 -1.32 -7.72
C THR A 301 9.75 -0.35 -8.21
N ALA A 302 10.99 -0.77 -8.25
CA ALA A 302 12.06 0.09 -8.78
C ALA A 302 11.84 0.41 -10.27
N ASN A 303 11.47 -0.58 -11.07
N ASN A 303 11.48 -0.58 -11.05
CA ASN A 303 11.17 -0.33 -12.48
CA ASN A 303 11.15 -0.37 -12.45
C ASN A 303 10.01 0.67 -12.65
C ASN A 303 10.02 0.64 -12.65
N MET A 304 8.95 0.49 -11.86
CA MET A 304 7.80 1.40 -11.93
C MET A 304 8.19 2.77 -11.50
N GLY A 305 9.03 2.85 -10.45
CA GLY A 305 9.48 4.21 -9.95
C GLY A 305 10.30 4.92 -11.03
N ARG A 306 11.21 4.21 -11.68
CA ARG A 306 12.02 4.84 -12.74
C ARG A 306 11.08 5.28 -13.87
N LYS A 307 10.10 4.47 -14.26
CA LYS A 307 9.16 4.87 -15.32
C LYS A 307 8.42 6.14 -14.91
N PHE A 308 8.00 6.22 -13.65
CA PHE A 308 7.23 7.35 -13.19
C PHE A 308 8.10 8.59 -13.16
N LEU A 309 9.33 8.44 -12.64
CA LEU A 309 10.23 9.61 -12.69
C LEU A 309 10.48 10.06 -14.14
N GLU A 310 10.68 9.11 -15.04
CA GLU A 310 10.86 9.49 -16.48
C GLU A 310 9.59 10.22 -17.03
N GLN A 311 8.40 9.79 -16.62
CA GLN A 311 7.12 10.43 -17.04
C GLN A 311 7.03 11.85 -16.50
N LEU A 312 7.64 12.11 -15.34
CA LEU A 312 7.70 13.51 -14.81
C LEU A 312 8.83 14.35 -15.47
N GLY A 313 9.71 13.71 -16.25
CA GLY A 313 10.87 14.42 -16.88
C GLY A 313 12.05 14.65 -15.96
N ILE A 314 12.15 13.84 -14.89
CA ILE A 314 13.17 14.07 -13.89
C ILE A 314 14.06 12.85 -13.57
N LEU A 315 14.04 11.82 -14.42
CA LEU A 315 14.84 10.62 -14.06
C LEU A 315 16.32 10.97 -14.20
N GLN A 316 17.09 10.50 -13.25
CA GLN A 316 18.55 10.74 -13.15
C GLN A 316 19.23 9.43 -13.19
N PRO A 317 20.53 9.44 -13.57
CA PRO A 317 21.25 8.15 -13.63
C PRO A 317 21.46 7.51 -12.27
N THR A 318 21.34 8.29 -11.20
CA THR A 318 21.50 7.83 -9.83
C THR A 318 20.18 7.26 -9.26
N ASP A 319 19.09 7.38 -10.02
CA ASP A 319 17.78 6.92 -9.50
C ASP A 319 17.69 5.42 -9.59
N THR A 320 17.49 4.77 -8.43
CA THR A 320 17.11 3.33 -8.46
C THR A 320 15.66 3.09 -8.82
N GLY A 321 14.86 4.15 -8.69
CA GLY A 321 13.40 4.02 -8.76
C GLY A 321 12.72 3.91 -7.43
N ILE A 322 13.46 3.60 -6.38
CA ILE A 322 12.83 3.57 -5.06
C ILE A 322 12.73 4.98 -4.49
N THR A 323 11.53 5.43 -4.20
CA THR A 323 11.30 6.87 -4.01
C THR A 323 10.89 7.22 -2.56
N ASN A 324 10.82 6.20 -1.68
CA ASN A 324 10.49 6.51 -0.26
C ASN A 324 11.35 7.62 0.38
N ALA A 325 10.71 8.48 1.18
CA ALA A 325 11.49 9.44 2.05
C ALA A 325 12.08 8.61 3.24
N PRO A 326 13.20 9.08 3.82
CA PRO A 326 13.67 8.43 5.09
C PRO A 326 12.51 8.52 6.08
N ALA A 327 12.26 7.46 6.89
CA ALA A 327 11.09 7.51 7.74
C ALA A 327 11.07 8.68 8.65
N GLY A 328 10.00 9.50 8.54
CA GLY A 328 9.81 10.71 9.32
C GLY A 328 10.18 12.03 8.65
N SER A 329 10.91 11.89 7.53
CA SER A 329 11.38 13.05 6.79
C SER A 329 10.20 13.57 5.97
N ALA A 330 10.12 14.90 5.85
CA ALA A 330 9.15 15.50 4.93
C ALA A 330 9.69 15.71 3.50
N GLN A 331 10.95 15.30 3.26
CA GLN A 331 11.64 15.43 1.98
C GLN A 331 11.96 14.04 1.41
N GLY A 332 11.41 13.74 0.25
CA GLY A 332 11.77 12.50 -0.43
C GLY A 332 11.99 12.77 -1.92
N ARG A 333 12.09 11.69 -2.68
CA ARG A 333 12.58 11.82 -4.08
C ARG A 333 11.60 12.54 -4.96
N ILE A 334 10.31 12.26 -4.79
CA ILE A 334 9.36 12.92 -5.72
C ILE A 334 9.13 14.39 -5.25
N PRO A 335 9.37 15.35 -6.16
CA PRO A 335 9.17 16.78 -5.79
C PRO A 335 7.72 16.99 -5.34
N ARG A 336 7.56 17.87 -4.35
CA ARG A 336 6.22 18.24 -3.92
C ARG A 336 5.29 18.69 -5.05
N VAL A 337 5.79 19.48 -6.03
CA VAL A 337 4.97 19.90 -7.16
C VAL A 337 4.36 18.81 -7.98
N TYR A 338 4.91 17.59 -7.80
CA TYR A 338 4.38 16.43 -8.56
C TYR A 338 3.67 15.44 -7.62
N GLY A 339 3.58 15.79 -6.33
CA GLY A 339 3.04 14.82 -5.36
C GLY A 339 1.57 14.53 -5.56
N ARG A 340 0.78 15.56 -5.90
CA ARG A 340 -0.66 15.32 -6.13
C ARG A 340 -0.86 14.34 -7.34
N GLN A 341 -0.06 14.54 -8.38
CA GLN A 341 -0.09 13.62 -9.52
C GLN A 341 0.29 12.19 -9.10
N ALA A 342 1.36 12.11 -8.28
CA ALA A 342 1.79 10.76 -7.80
C ALA A 342 0.69 10.11 -6.96
N SER A 343 0.11 10.92 -6.04
CA SER A 343 -0.94 10.44 -5.15
C SER A 343 -2.12 9.94 -5.96
N GLU A 344 -2.51 10.74 -6.98
CA GLU A 344 -3.67 10.31 -7.79
C GLU A 344 -3.42 9.07 -8.61
N TYR A 345 -2.17 8.87 -9.05
CA TYR A 345 -1.80 7.61 -9.74
C TYR A 345 -1.89 6.42 -8.80
N VAL A 346 -1.36 6.57 -7.57
CA VAL A 346 -1.50 5.56 -6.55
C VAL A 346 -2.97 5.21 -6.30
N ILE A 347 -3.79 6.25 -6.20
CA ILE A 347 -5.21 6.04 -5.87
C ILE A 347 -5.90 5.34 -7.07
N ARG A 348 -5.59 5.77 -8.28
N ARG A 348 -5.59 5.78 -8.29
CA ARG A 348 -6.14 5.10 -9.47
CA ARG A 348 -6.15 5.11 -9.48
C ARG A 348 -5.80 3.61 -9.51
C ARG A 348 -5.80 3.63 -9.52
N ARG A 349 -4.54 3.31 -9.17
CA ARG A 349 -4.12 1.88 -9.09
C ARG A 349 -4.98 1.08 -8.15
N GLY A 350 -5.10 1.60 -6.93
CA GLY A 350 -5.91 0.94 -5.96
C GLY A 350 -7.39 0.82 -6.39
N MET A 351 -7.99 1.92 -6.86
CA MET A 351 -9.41 1.91 -7.26
C MET A 351 -9.67 0.95 -8.42
N SER A 352 -8.64 0.73 -9.24
CA SER A 352 -8.74 -0.26 -10.34
C SER A 352 -8.94 -1.65 -9.86
N GLN A 353 -8.62 -1.90 -8.58
CA GLN A 353 -8.77 -3.19 -7.99
C GLN A 353 -10.09 -3.43 -7.27
N ILE A 354 -10.99 -2.42 -7.30
CA ILE A 354 -12.35 -2.68 -6.71
C ILE A 354 -12.94 -3.98 -7.25
N GLY A 355 -13.43 -4.79 -6.33
CA GLY A 355 -14.02 -6.11 -6.75
C GLY A 355 -13.11 -7.28 -6.67
N VAL A 356 -11.79 -7.03 -6.53
CA VAL A 356 -10.88 -8.18 -6.38
C VAL A 356 -11.13 -8.79 -4.97
N PRO A 357 -11.16 -10.12 -4.83
CA PRO A 357 -11.48 -10.72 -3.51
C PRO A 357 -10.44 -10.43 -2.47
N TYR A 358 -10.90 -10.36 -1.24
CA TYR A 358 -10.03 -10.46 -0.06
C TYR A 358 -9.21 -11.77 -0.02
N SER A 359 -7.91 -11.70 0.26
CA SER A 359 -7.16 -12.95 0.57
C SER A 359 -6.16 -12.59 1.68
N TRP A 360 -6.14 -13.34 2.77
CA TRP A 360 -5.22 -13.13 3.85
C TRP A 360 -3.79 -13.37 3.30
N GLY A 361 -2.98 -12.30 3.27
CA GLY A 361 -1.62 -12.34 2.75
C GLY A 361 -1.54 -12.06 1.28
N GLY A 362 -2.69 -11.76 0.66
CA GLY A 362 -2.74 -11.59 -0.77
C GLY A 362 -2.16 -10.28 -1.28
N GLY A 363 -1.42 -10.41 -2.39
CA GLY A 363 -0.98 -9.24 -3.18
C GLY A 363 0.51 -8.93 -3.13
N ASN A 364 1.04 -8.35 -4.19
CA ASN A 364 2.43 -7.98 -4.28
C ASN A 364 2.46 -6.80 -5.24
N ALA A 365 3.68 -6.34 -5.53
CA ALA A 365 3.79 -5.08 -6.29
C ALA A 365 3.23 -5.19 -7.68
N ALA A 366 3.07 -6.40 -8.18
CA ALA A 366 2.57 -6.65 -9.55
C ALA A 366 1.03 -6.78 -9.61
N GLY A 367 0.38 -6.96 -8.47
CA GLY A 367 -1.07 -7.20 -8.55
C GLY A 367 -1.55 -8.10 -7.44
N PRO A 368 -2.82 -8.55 -7.53
CA PRO A 368 -3.29 -9.48 -6.53
C PRO A 368 -2.47 -10.79 -6.61
N SER A 369 -2.40 -11.52 -5.53
CA SER A 369 -1.68 -12.81 -5.55
C SER A 369 -2.33 -13.77 -4.61
N LYS A 370 -1.87 -15.05 -4.68
CA LYS A 370 -2.21 -15.93 -3.62
C LYS A 370 -1.77 -15.42 -2.24
N GLY A 371 -2.52 -15.75 -1.21
CA GLY A 371 -2.13 -15.38 0.17
C GLY A 371 -1.28 -16.41 0.85
N ILE A 372 -1.28 -16.34 2.18
CA ILE A 372 -0.56 -17.32 2.98
C ILE A 372 -1.56 -17.98 3.91
N ASP A 373 -1.10 -19.11 4.48
CA ASP A 373 -1.86 -19.81 5.48
C ASP A 373 -3.30 -19.98 4.96
N SER A 374 -4.33 -19.53 5.66
CA SER A 374 -5.73 -19.79 5.17
C SER A 374 -6.05 -19.15 3.78
N GLY A 375 -5.24 -18.16 3.38
CA GLY A 375 -5.39 -17.45 2.12
C GLY A 375 -4.60 -18.07 0.97
N ALA A 376 -3.96 -19.21 1.22
CA ALA A 376 -3.02 -19.81 0.26
C ALA A 376 -3.61 -20.22 -1.07
N GLY A 377 -4.91 -20.45 -1.09
CA GLY A 377 -5.59 -20.88 -2.32
C GLY A 377 -6.38 -19.79 -3.02
N THR A 378 -6.25 -18.56 -2.48
CA THR A 378 -7.15 -17.51 -2.90
C THR A 378 -6.31 -16.38 -3.42
N VAL A 379 -6.50 -15.99 -4.67
CA VAL A 379 -5.77 -14.91 -5.31
C VAL A 379 -6.55 -13.64 -4.98
N GLY A 380 -5.89 -12.66 -4.37
CA GLY A 380 -6.65 -11.43 -3.99
C GLY A 380 -5.71 -10.48 -3.28
N PHE A 381 -6.31 -9.64 -2.43
CA PHE A 381 -5.56 -8.63 -1.65
C PHE A 381 -6.00 -8.64 -0.24
N ASP A 382 -5.05 -8.43 0.65
CA ASP A 382 -5.37 -7.89 1.99
C ASP A 382 -5.04 -6.36 2.06
N CYS A 383 -5.39 -5.65 3.13
CA CYS A 383 -5.05 -4.26 3.10
C CYS A 383 -3.67 -3.88 2.87
N SER A 384 -2.76 -4.55 3.56
CA SER A 384 -1.35 -4.19 3.36
C SER A 384 -0.86 -4.51 1.97
N GLY A 385 -1.39 -5.59 1.41
CA GLY A 385 -1.11 -5.99 0.02
C GLY A 385 -1.58 -4.91 -0.95
N LEU A 386 -2.81 -4.41 -0.72
CA LEU A 386 -3.35 -3.46 -1.65
C LEU A 386 -2.60 -2.11 -1.55
N VAL A 387 -2.23 -1.75 -0.32
CA VAL A 387 -1.43 -0.55 -0.10
C VAL A 387 -0.09 -0.68 -0.79
N LEU A 388 0.54 -1.82 -0.63
CA LEU A 388 1.92 -1.94 -1.21
C LEU A 388 1.81 -1.96 -2.75
N TYR A 389 0.80 -2.67 -3.27
CA TYR A 389 0.57 -2.63 -4.75
C TYR A 389 0.36 -1.18 -5.28
N SER A 390 -0.54 -0.47 -4.60
CA SER A 390 -0.94 0.85 -5.15
C SER A 390 0.28 1.76 -5.09
N PHE A 391 0.94 1.88 -3.91
CA PHE A 391 2.10 2.79 -3.83
C PHE A 391 3.31 2.40 -4.68
N ALA A 392 3.38 1.10 -5.03
CA ALA A 392 4.55 0.71 -5.79
C ALA A 392 4.56 1.35 -7.19
N GLY A 393 3.41 1.85 -7.66
CA GLY A 393 3.35 2.38 -9.02
C GLY A 393 4.21 3.66 -9.15
N VAL A 394 4.51 4.34 -8.03
CA VAL A 394 5.39 5.53 -8.08
C VAL A 394 6.73 5.29 -7.34
N GLY A 395 7.09 4.03 -7.19
CA GLY A 395 8.39 3.68 -6.58
C GLY A 395 8.41 3.63 -5.04
N ILE A 396 7.26 3.77 -4.40
CA ILE A 396 7.21 3.69 -2.92
CA ILE A 396 7.26 3.67 -2.90
C ILE A 396 7.16 2.20 -2.54
N LYS A 397 8.22 1.72 -1.89
CA LYS A 397 8.36 0.28 -1.61
C LYS A 397 7.93 0.07 -0.15
N LEU A 398 6.97 -0.84 0.08
CA LEU A 398 6.49 -1.01 1.46
C LEU A 398 6.51 -2.50 1.74
N PRO A 399 6.75 -2.85 2.98
CA PRO A 399 6.71 -4.29 3.37
C PRO A 399 5.28 -4.82 3.45
N HIS A 400 5.12 -6.12 3.28
CA HIS A 400 3.78 -6.70 3.30
C HIS A 400 3.46 -7.06 4.76
N TYR A 401 3.28 -6.01 5.57
CA TYR A 401 2.71 -6.18 6.93
C TYR A 401 2.31 -4.80 7.42
N SER A 402 1.06 -4.69 7.82
CA SER A 402 0.53 -3.36 8.16
C SER A 402 1.32 -2.74 9.31
N GLY A 403 1.70 -3.60 10.30
CA GLY A 403 2.53 -3.13 11.41
C GLY A 403 3.82 -2.45 10.97
N SER A 404 4.44 -3.00 9.94
CA SER A 404 5.74 -2.45 9.52
C SER A 404 5.49 -1.23 8.63
N GLN A 405 4.43 -1.26 7.81
CA GLN A 405 4.07 -0.03 7.06
C GLN A 405 3.86 1.17 7.99
N TYR A 406 3.23 0.96 9.14
CA TYR A 406 2.94 2.03 10.07
C TYR A 406 4.26 2.73 10.57
N ASN A 407 5.38 2.02 10.52
CA ASN A 407 6.68 2.58 11.00
C ASN A 407 7.41 3.35 9.94
N LEU A 408 6.82 3.40 8.72
CA LEU A 408 7.49 4.09 7.57
C LEU A 408 6.69 5.39 7.28
N GLY A 409 7.20 6.21 6.36
CA GLY A 409 6.52 7.46 5.99
C GLY A 409 6.51 8.44 7.14
N ARG A 410 5.58 9.39 7.07
CA ARG A 410 5.51 10.53 8.05
C ARG A 410 4.16 10.52 8.72
N LYS A 411 4.14 10.70 10.04
CA LYS A 411 2.84 10.62 10.73
C LYS A 411 2.06 11.94 10.63
N ILE A 412 0.73 11.85 10.47
CA ILE A 412 -0.17 13.04 10.36
C ILE A 412 -1.27 12.70 11.40
N PRO A 413 -1.66 13.65 12.28
CA PRO A 413 -2.74 13.38 13.23
C PRO A 413 -3.97 12.85 12.47
N SER A 414 -4.61 11.81 13.01
CA SER A 414 -5.72 11.20 12.26
C SER A 414 -6.83 12.19 11.98
N SER A 415 -7.04 13.11 12.90
CA SER A 415 -8.03 14.18 12.67
C SER A 415 -7.75 15.05 11.42
N GLN A 416 -6.50 15.00 10.93
CA GLN A 416 -6.08 15.78 9.78
C GLN A 416 -5.81 14.94 8.55
N MET A 417 -6.28 13.68 8.58
CA MET A 417 -6.04 12.83 7.41
C MET A 417 -6.48 13.48 6.14
N ARG A 418 -5.67 13.27 5.11
CA ARG A 418 -5.95 13.89 3.78
C ARG A 418 -6.01 12.81 2.74
N ARG A 419 -6.81 13.02 1.66
CA ARG A 419 -6.79 12.06 0.54
C ARG A 419 -5.38 11.58 0.17
N GLY A 420 -5.24 10.27 0.10
CA GLY A 420 -3.92 9.63 -0.26
C GLY A 420 -3.13 9.18 0.95
N ASP A 421 -3.47 9.69 2.13
CA ASP A 421 -2.84 9.22 3.37
C ASP A 421 -3.39 7.80 3.67
N VAL A 422 -2.68 7.12 4.58
CA VAL A 422 -2.98 5.67 4.76
C VAL A 422 -3.38 5.47 6.24
N ILE A 423 -4.54 4.86 6.43
CA ILE A 423 -5.19 4.74 7.77
C ILE A 423 -4.89 3.37 8.35
N PHE A 424 -4.52 3.36 9.63
CA PHE A 424 -4.17 2.08 10.27
C PHE A 424 -5.05 1.82 11.51
N TYR A 425 -5.17 0.52 11.83
CA TYR A 425 -6.05 0.05 12.92
C TYR A 425 -5.33 -0.95 13.81
N GLY A 426 -5.74 -0.99 15.09
CA GLY A 426 -5.14 -1.97 16.05
C GLY A 426 -3.84 -1.50 16.61
N PRO A 427 -3.34 -2.23 17.59
CA PRO A 427 -2.07 -1.83 18.23
C PRO A 427 -0.95 -1.85 17.17
N ASN A 428 -0.18 -0.77 17.14
CA ASN A 428 0.96 -0.64 16.20
C ASN A 428 0.48 -0.71 14.74
N GLY A 429 -0.81 -0.44 14.49
CA GLY A 429 -1.38 -0.50 13.14
C GLY A 429 -1.40 -1.93 12.64
N SER A 430 -1.35 -2.94 13.53
CA SER A 430 -1.28 -4.32 13.09
C SER A 430 -2.59 -4.95 12.57
N GLN A 431 -3.75 -4.37 12.87
CA GLN A 431 -4.98 -5.11 12.52
C GLN A 431 -5.39 -4.94 11.06
N HIS A 432 -5.28 -3.71 10.54
CA HIS A 432 -5.78 -3.49 9.18
C HIS A 432 -5.26 -2.14 8.70
N VAL A 433 -5.13 -2.00 7.39
CA VAL A 433 -4.64 -0.76 6.82
C VAL A 433 -5.49 -0.47 5.54
N THR A 434 -5.79 0.81 5.28
CA THR A 434 -6.64 1.18 4.13
C THR A 434 -6.07 2.49 3.60
N ILE A 435 -6.50 2.85 2.37
CA ILE A 435 -6.07 4.09 1.76
C ILE A 435 -7.23 5.10 1.94
N TYR A 436 -6.92 6.26 2.49
CA TYR A 436 -7.96 7.27 2.63
C TYR A 436 -8.21 7.99 1.29
N LEU A 437 -9.51 8.19 0.97
CA LEU A 437 -9.88 8.76 -0.36
C LEU A 437 -10.33 10.22 -0.22
N GLY A 438 -10.38 10.74 0.99
CA GLY A 438 -11.05 12.04 1.25
C GLY A 438 -12.55 11.79 1.46
N ASN A 439 -13.22 12.84 1.88
CA ASN A 439 -14.71 12.77 2.06
C ASN A 439 -15.18 11.57 2.90
N GLY A 440 -14.41 11.20 3.88
CA GLY A 440 -14.84 10.21 4.87
C GLY A 440 -14.90 8.81 4.28
N GLN A 441 -14.19 8.57 3.16
CA GLN A 441 -14.26 7.21 2.46
C GLN A 441 -12.86 6.62 2.43
N MET A 442 -12.78 5.27 2.46
CA MET A 442 -11.45 4.66 2.39
C MET A 442 -11.56 3.41 1.52
N LEU A 443 -10.39 2.94 1.04
CA LEU A 443 -10.33 1.81 0.09
C LEU A 443 -9.56 0.67 0.70
N ALA A 444 -10.16 -0.51 0.77
CA ALA A 444 -9.51 -1.70 1.22
C ALA A 444 -10.39 -2.93 0.97
N ALA A 445 -9.81 -4.14 1.02
CA ALA A 445 -10.63 -5.37 1.16
C ALA A 445 -10.69 -5.68 2.66
N PRO A 446 -11.88 -5.86 3.25
CA PRO A 446 -11.96 -6.03 4.72
C PRO A 446 -11.71 -7.38 5.31
N ASP A 447 -12.25 -8.39 4.70
CA ASP A 447 -12.23 -9.74 5.34
C ASP A 447 -12.79 -10.77 4.38
N VAL A 448 -12.75 -12.03 4.83
CA VAL A 448 -13.11 -13.17 3.94
C VAL A 448 -14.52 -13.05 3.40
N GLY A 449 -14.69 -13.41 2.14
CA GLY A 449 -16.05 -13.34 1.56
C GLY A 449 -16.35 -11.99 0.94
N LEU A 450 -15.49 -11.00 1.23
CA LEU A 450 -15.69 -9.66 0.72
C LEU A 450 -14.58 -9.32 -0.29
N LYS A 451 -14.68 -8.11 -0.87
CA LYS A 451 -13.76 -7.76 -1.97
C LYS A 451 -13.20 -6.34 -1.64
N VAL A 452 -12.17 -5.96 -2.38
CA VAL A 452 -11.69 -4.57 -2.30
C VAL A 452 -12.91 -3.66 -2.56
N ARG A 453 -13.08 -2.63 -1.70
CA ARG A 453 -14.23 -1.77 -1.77
C ARG A 453 -13.92 -0.38 -1.26
N VAL A 454 -14.80 0.52 -1.63
CA VAL A 454 -14.86 1.84 -0.99
C VAL A 454 -15.89 1.75 0.15
N ALA A 455 -15.47 2.15 1.33
CA ALA A 455 -16.37 2.08 2.49
C ALA A 455 -16.15 3.33 3.34
N PRO A 456 -17.11 3.65 4.22
CA PRO A 456 -16.88 4.81 5.15
C PRO A 456 -15.72 4.55 6.06
N VAL A 457 -14.92 5.59 6.34
CA VAL A 457 -13.92 5.47 7.38
C VAL A 457 -14.58 5.02 8.71
N ARG A 458 -13.93 4.06 9.36
CA ARG A 458 -14.29 3.62 10.70
C ARG A 458 -13.27 4.16 11.69
N THR A 459 -13.76 4.70 12.82
CA THR A 459 -12.80 5.32 13.80
C THR A 459 -12.51 4.34 14.93
N ALA A 460 -13.36 3.32 15.11
CA ALA A 460 -13.07 2.33 16.13
C ALA A 460 -11.75 1.59 15.86
N GLY A 461 -10.84 1.59 16.82
CA GLY A 461 -9.55 0.90 16.62
C GLY A 461 -8.58 1.68 15.77
N MET A 462 -8.95 2.88 15.33
CA MET A 462 -8.01 3.66 14.45
C MET A 462 -6.82 4.09 15.27
N THR A 463 -5.63 3.94 14.70
CA THR A 463 -4.43 4.53 15.33
C THR A 463 -4.56 6.06 15.42
N PRO A 464 -3.81 6.68 16.37
CA PRO A 464 -3.94 8.11 16.50
C PRO A 464 -3.32 8.90 15.38
N TYR A 465 -2.50 8.26 14.51
CA TYR A 465 -1.91 8.96 13.36
C TYR A 465 -2.23 8.16 12.10
N VAL A 466 -2.37 8.87 10.98
CA VAL A 466 -2.31 8.26 9.65
C VAL A 466 -0.91 8.40 9.11
N VAL A 467 -0.57 7.71 8.02
CA VAL A 467 0.80 7.85 7.51
C VAL A 467 0.69 8.47 6.13
N ARG A 468 1.63 9.42 5.87
CA ARG A 468 1.74 10.05 4.55
C ARG A 468 3.06 9.55 3.90
N TYR A 469 2.93 8.93 2.71
CA TYR A 469 4.09 8.49 1.96
C TYR A 469 4.50 9.41 0.82
N ILE A 470 3.61 10.37 0.46
CA ILE A 470 3.79 11.27 -0.70
C ILE A 470 3.42 12.65 -0.25
N GLU A 471 4.39 13.57 -0.29
CA GLU A 471 4.05 14.96 0.10
C GLU A 471 3.52 15.75 -1.05
N TYR A 472 2.58 16.65 -0.71
CA TYR A 472 2.11 17.63 -1.74
C TYR A 472 1.42 18.76 -0.99
C FMT B . -12.67 -1.92 4.29
O1 FMT B . -13.84 -1.61 4.53
O2 FMT B . -11.80 -1.92 5.19
C FMT C . -4.54 -5.83 6.50
O1 FMT C . -5.06 -4.76 6.22
O2 FMT C . -3.53 -6.18 5.88
C1 GOL D . -6.67 -8.83 7.90
O1 GOL D . -6.21 -9.01 6.59
C2 GOL D . -8.21 -8.54 7.86
O2 GOL D . -8.44 -7.27 7.17
C3 GOL D . -8.74 -8.33 9.29
O3 GOL D . -8.49 -9.46 10.16
C1 GOL E . 7.80 10.66 -2.44
O1 GOL E . 9.05 10.45 -3.02
C2 GOL E . 7.92 11.96 -1.54
O2 GOL E . 6.71 12.73 -1.59
C3 GOL E . 8.18 11.54 -0.08
O3 GOL E . 8.65 12.73 0.59
#